data_4GIY
#
_entry.id   4GIY
#
_cell.length_a   85.007
_cell.length_b   64.663
_cell.length_c   71.338
_cell.angle_alpha   90.00
_cell.angle_beta   94.09
_cell.angle_gamma   90.00
#
_symmetry.space_group_name_H-M   'C 1 2 1'
#
loop_
_entity.id
_entity.type
_entity.pdbx_description
1 polymer 'Queuine tRNA-ribosyltransferase'
2 non-polymer 'ZINC ION'
3 non-polymer 6-amino-4-{2-[(cyclohexylmethyl)amino]ethyl}-2-[(2-phenylethyl)amino]-3,7-dihydro-8H-imidazo[4,5-g]quinazolin-8-one
4 water water
#
_entity_poly.entity_id   1
_entity_poly.type   'polypeptide(L)'
_entity_poly.pdbx_seq_one_letter_code
;MVEATAQETDRPRFSFSIAAREGKARTGTIEMKRGVIRTPAFMPVGTAATVKALKPETVRATGADIILGNTYHLMLRPGA
ERIAKLGGLHSFMGWDRPILTDSGGYQVMSLSSLTKQSEEGVTFKSHLDGSRHMLSPERSIEIQHLLGSDIVMAFDECTP
YPATPSRAASSMERSMRWAKRSRDAFDSRKEQAENAALFGIQQGSVFENLRQQSADALAEIGFDGYAVGGLAVGEGQDEM
FRVLDFSVPMLPDDKPHYLMGVGKPDDIVGAVERGIDMFDCVLPTRSGRNGQAFTWDGPINIRNARFSEDLKPLDSECHC
AVCQKWSRAYIHHLIRAGEILGAMLMTEHNIAFYQQLMQKIRDSISEGRFSQFAQDFRARYFARNS
;
_entity_poly.pdbx_strand_id   A
#
loop_
_chem_comp.id
_chem_comp.type
_chem_comp.name
_chem_comp.formula
0WY non-polymer 6-amino-4-{2-[(cyclohexylmethyl)amino]ethyl}-2-[(2-phenylethyl)amino]-3,7-dihydro-8H-imidazo[4,5-g]quinazolin-8-one 'C26 H33 N7 O'
ZN non-polymer 'ZINC ION' 'Zn 2'
#
# COMPACT_ATOMS: atom_id res chain seq x y z
N ARG A 11 -13.16 3.49 19.90
CA ARG A 11 -12.15 2.49 19.58
C ARG A 11 -10.80 2.85 20.16
N PRO A 12 -9.86 1.91 20.22
CA PRO A 12 -8.51 2.28 20.66
C PRO A 12 -7.73 3.00 19.57
N ARG A 13 -6.61 3.60 19.95
CA ARG A 13 -5.60 4.11 19.04
C ARG A 13 -5.27 3.07 17.98
N PHE A 14 -4.95 1.85 18.42
CA PHE A 14 -4.58 0.81 17.49
C PHE A 14 -4.70 -0.57 18.11
N SER A 15 -5.39 -1.46 17.41
CA SER A 15 -5.44 -2.85 17.80
C SER A 15 -5.60 -3.70 16.54
N PHE A 16 -4.82 -4.77 16.51
CA PHE A 16 -4.85 -5.68 15.38
C PHE A 16 -5.29 -7.04 15.91
N SER A 17 -6.35 -7.56 15.32
CA SER A 17 -6.81 -8.89 15.70
CA SER A 17 -6.85 -8.87 15.70
C SER A 17 -7.01 -9.74 14.46
N ILE A 18 -6.49 -10.95 14.57
CA ILE A 18 -6.55 -11.96 13.50
C ILE A 18 -7.74 -12.86 13.79
N ALA A 19 -8.69 -12.90 12.86
CA ALA A 19 -9.89 -13.71 13.10
C ALA A 19 -9.76 -15.09 12.48
N ALA A 20 -8.95 -15.28 11.45
CA ALA A 20 -8.83 -16.60 10.82
C ALA A 20 -7.51 -16.71 10.06
N ARG A 21 -7.04 -17.94 9.94
CA ARG A 21 -5.78 -18.19 9.25
C ARG A 21 -5.92 -19.32 8.25
N GLU A 22 -5.08 -19.25 7.21
CA GLU A 22 -4.98 -20.36 6.28
C GLU A 22 -3.56 -20.40 5.75
N GLY A 23 -2.81 -21.37 6.22
CA GLY A 23 -1.37 -21.41 5.94
C GLY A 23 -0.78 -20.12 6.51
N LYS A 24 -0.06 -19.36 5.68
CA LYS A 24 0.54 -18.12 6.11
C LYS A 24 -0.45 -16.96 6.05
N ALA A 25 -1.53 -17.21 5.33
CA ALA A 25 -2.48 -16.11 5.10
C ALA A 25 -3.29 -15.85 6.36
N ARG A 26 -3.62 -14.58 6.57
CA ARG A 26 -4.46 -14.20 7.69
C ARG A 26 -5.52 -13.19 7.25
N THR A 27 -6.60 -13.20 8.03
CA THR A 27 -7.63 -12.19 7.81
C THR A 27 -8.09 -11.69 9.16
N GLY A 28 -8.38 -10.40 9.29
CA GLY A 28 -8.76 -9.85 10.58
C GLY A 28 -9.04 -8.37 10.46
N THR A 29 -8.78 -7.66 11.56
CA THR A 29 -9.13 -6.27 11.56
C THR A 29 -8.15 -5.41 12.32
N ILE A 30 -7.91 -4.23 11.77
CA ILE A 30 -7.25 -3.17 12.54
C ILE A 30 -8.29 -2.19 13.06
N GLU A 31 -8.26 -1.95 14.37
CA GLU A 31 -9.16 -0.91 14.89
C GLU A 31 -8.36 0.33 15.26
N MET A 32 -8.86 1.47 14.83
CA MET A 32 -8.29 2.78 15.17
C MET A 32 -9.43 3.74 15.50
N LYS A 33 -9.08 4.92 16.04
CA LYS A 33 -10.14 5.83 16.48
C LYS A 33 -11.02 6.23 15.32
N ARG A 34 -10.50 6.39 14.10
CA ARG A 34 -11.38 6.86 13.04
CA ARG A 34 -11.37 6.86 13.02
C ARG A 34 -12.11 5.72 12.35
N GLY A 35 -11.81 4.47 12.73
CA GLY A 35 -12.53 3.39 12.07
C GLY A 35 -11.82 2.06 12.02
N VAL A 36 -12.48 1.08 11.44
CA VAL A 36 -11.96 -0.28 11.34
C VAL A 36 -11.51 -0.55 9.91
N ILE A 37 -10.38 -1.23 9.84
CA ILE A 37 -9.79 -1.66 8.59
C ILE A 37 -9.76 -3.20 8.56
N ARG A 38 -10.47 -3.75 7.60
CA ARG A 38 -10.51 -5.18 7.33
C ARG A 38 -9.29 -5.61 6.53
N THR A 39 -8.68 -6.68 7.01
CA THR A 39 -7.47 -7.20 6.39
C THR A 39 -7.65 -8.62 5.85
N PRO A 40 -6.95 -8.97 4.77
CA PRO A 40 -6.11 -8.11 3.93
C PRO A 40 -6.82 -6.96 3.21
N ALA A 41 -6.16 -5.82 3.17
CA ALA A 41 -6.71 -4.54 2.78
C ALA A 41 -5.91 -3.99 1.58
N PHE A 42 -6.66 -3.45 0.62
CA PHE A 42 -6.13 -2.61 -0.45
C PHE A 42 -6.42 -1.16 -0.10
N MET A 43 -5.38 -0.32 -0.15
CA MET A 43 -5.43 1.07 0.29
C MET A 43 -5.21 2.00 -0.89
N PRO A 44 -6.29 2.46 -1.51
CA PRO A 44 -6.11 3.27 -2.72
C PRO A 44 -5.65 4.69 -2.42
N VAL A 45 -5.07 5.34 -3.44
CA VAL A 45 -4.75 6.75 -3.26
C VAL A 45 -6.06 7.53 -3.23
N GLY A 46 -6.18 8.49 -2.34
CA GLY A 46 -7.49 9.12 -2.21
C GLY A 46 -7.79 10.19 -3.23
N THR A 47 -6.85 10.60 -4.06
CA THR A 47 -7.14 11.60 -5.08
C THR A 47 -7.61 10.98 -6.40
N ALA A 64 -13.29 1.02 0.26
CA ALA A 64 -12.07 1.18 1.05
C ALA A 64 -12.32 1.60 2.50
N ASP A 65 -11.47 1.07 3.36
CA ASP A 65 -11.49 1.34 4.78
C ASP A 65 -10.45 2.38 5.20
N ILE A 66 -9.47 2.61 4.33
CA ILE A 66 -8.36 3.54 4.54
C ILE A 66 -7.85 3.98 3.18
N ILE A 67 -7.45 5.23 3.02
CA ILE A 67 -6.87 5.75 1.80
C ILE A 67 -5.46 6.28 2.10
N LEU A 68 -4.69 6.45 1.04
CA LEU A 68 -3.33 6.96 1.11
C LEU A 68 -3.32 8.45 0.76
N GLY A 69 -2.70 9.26 1.58
CA GLY A 69 -2.34 10.64 1.30
C GLY A 69 -0.99 10.66 0.57
N ASN A 70 -0.65 11.78 -0.05
CA ASN A 70 0.58 11.87 -0.85
C ASN A 70 1.56 12.81 -0.20
N THR A 71 2.32 12.27 0.76
CA THR A 71 3.23 13.12 1.53
C THR A 71 4.15 13.98 0.67
N TYR A 72 4.79 13.38 -0.33
CA TYR A 72 5.75 14.12 -1.14
C TYR A 72 5.07 15.28 -1.84
N HIS A 73 3.91 14.98 -2.43
CA HIS A 73 3.24 16.07 -3.13
C HIS A 73 2.78 17.16 -2.18
N LEU A 74 2.16 16.73 -1.09
CA LEU A 74 1.55 17.70 -0.18
C LEU A 74 2.60 18.58 0.45
N MET A 75 3.79 18.02 0.70
CA MET A 75 4.77 18.86 1.40
C MET A 75 5.26 20.00 0.52
N LEU A 76 5.09 19.83 -0.79
CA LEU A 76 5.45 20.85 -1.78
C LEU A 76 4.25 21.71 -2.16
N ARG A 77 3.06 21.12 -2.34
CA ARG A 77 1.86 21.88 -2.67
C ARG A 77 0.62 21.37 -1.96
N PRO A 78 -0.01 22.10 -1.05
CA PRO A 78 0.27 23.49 -0.73
C PRO A 78 1.30 23.70 0.37
N GLY A 79 1.85 22.60 0.86
CA GLY A 79 2.78 22.64 2.01
C GLY A 79 2.07 22.04 3.21
N ALA A 80 2.81 21.33 4.06
CA ALA A 80 2.20 20.67 5.20
C ALA A 80 1.58 21.66 6.18
N GLU A 81 2.28 22.77 6.39
CA GLU A 81 1.77 23.78 7.32
C GLU A 81 0.43 24.30 6.83
N ARG A 82 0.33 24.50 5.53
CA ARG A 82 -0.94 25.01 4.97
C ARG A 82 -2.05 23.99 5.09
N ILE A 83 -1.77 22.70 4.85
CA ILE A 83 -2.79 21.67 5.04
C ILE A 83 -3.28 21.70 6.48
N ALA A 84 -2.35 21.86 7.42
CA ALA A 84 -2.73 22.01 8.82
C ALA A 84 -3.62 23.24 9.06
N LYS A 85 -3.26 24.38 8.53
CA LYS A 85 -4.02 25.62 8.57
C LYS A 85 -5.43 25.38 8.03
N LEU A 86 -5.50 24.56 6.99
CA LEU A 86 -6.79 24.20 6.40
C LEU A 86 -7.50 23.08 7.14
N GLY A 87 -6.99 22.62 8.27
CA GLY A 87 -7.72 21.66 9.09
C GLY A 87 -7.28 20.22 9.03
N GLY A 88 -6.20 19.93 8.34
CA GLY A 88 -5.68 18.56 8.21
C GLY A 88 -6.24 17.87 6.99
N LEU A 89 -5.62 16.77 6.56
CA LEU A 89 -6.04 16.04 5.37
C LEU A 89 -7.45 15.47 5.43
N HIS A 90 -7.93 15.04 6.60
CA HIS A 90 -9.28 14.48 6.65
C HIS A 90 -10.30 15.52 6.13
N SER A 91 -10.21 16.71 6.72
CA SER A 91 -11.07 17.82 6.36
C SER A 91 -10.84 18.25 4.91
N PHE A 92 -9.58 18.29 4.48
CA PHE A 92 -9.20 18.74 3.14
C PHE A 92 -9.80 17.83 2.07
N MET A 93 -9.70 16.53 2.30
CA MET A 93 -10.14 15.57 1.29
C MET A 93 -11.57 15.08 1.53
N GLY A 94 -12.20 15.52 2.61
CA GLY A 94 -13.54 15.10 2.98
C GLY A 94 -13.63 13.60 3.21
N TRP A 95 -12.65 13.10 3.96
CA TRP A 95 -12.55 11.69 4.32
C TRP A 95 -12.37 11.55 5.82
N ASP A 96 -13.33 11.01 6.57
CA ASP A 96 -13.22 11.02 8.02
C ASP A 96 -12.69 9.70 8.59
N ARG A 97 -12.32 8.81 7.69
CA ARG A 97 -11.84 7.48 8.07
C ARG A 97 -10.32 7.47 8.14
N PRO A 98 -9.66 6.39 8.53
CA PRO A 98 -8.19 6.44 8.52
C PRO A 98 -7.55 6.78 7.17
N ILE A 99 -6.40 7.42 7.31
CA ILE A 99 -5.48 7.80 6.25
C ILE A 99 -4.08 7.36 6.62
N LEU A 100 -3.42 6.74 5.65
CA LEU A 100 -2.02 6.38 5.74
C LEU A 100 -1.19 7.36 4.90
N THR A 101 -0.04 7.73 5.43
CA THR A 101 0.92 8.51 4.65
C THR A 101 2.24 7.75 4.61
N ASP A 102 2.89 7.75 3.46
CA ASP A 102 4.29 7.32 3.37
C ASP A 102 5.18 8.45 3.89
N SER A 103 6.46 8.11 4.05
CA SER A 103 7.37 9.03 4.71
C SER A 103 8.08 9.95 3.73
N GLY A 104 7.88 9.71 2.43
CA GLY A 104 8.29 10.63 1.41
C GLY A 104 9.58 10.38 0.69
N GLY A 105 10.49 9.62 1.28
CA GLY A 105 11.81 9.47 0.69
C GLY A 105 11.83 8.61 -0.57
N TYR A 106 10.96 7.60 -0.57
CA TYR A 106 10.80 6.78 -1.75
C TYR A 106 10.58 7.71 -2.94
N GLN A 107 9.57 8.57 -2.75
CA GLN A 107 9.16 9.44 -3.85
C GLN A 107 10.19 10.53 -4.14
N VAL A 108 10.89 10.99 -3.12
CA VAL A 108 11.96 11.97 -3.35
C VAL A 108 13.04 11.34 -4.24
N MET A 109 13.45 10.14 -3.85
CA MET A 109 14.50 9.46 -4.60
C MET A 109 14.03 9.13 -6.01
N SER A 110 12.72 8.97 -6.23
CA SER A 110 12.38 8.53 -7.60
C SER A 110 11.74 9.64 -8.44
N LEU A 111 11.33 10.74 -7.85
CA LEU A 111 10.66 11.85 -8.50
C LEU A 111 11.38 13.18 -8.34
N SER A 112 12.16 13.36 -7.27
CA SER A 112 12.88 14.62 -7.10
C SER A 112 14.01 14.75 -8.11
N THR A 115 19.05 15.39 -5.66
CA THR A 115 19.06 14.60 -4.43
C THR A 115 20.45 14.41 -3.86
N LYS A 116 20.60 14.80 -2.60
CA LYS A 116 21.86 14.58 -1.92
C LYS A 116 21.59 13.91 -0.58
N GLN A 117 22.28 12.82 -0.31
CA GLN A 117 22.04 12.08 0.92
C GLN A 117 23.12 12.37 1.95
N SER A 118 22.74 12.21 3.21
CA SER A 118 23.61 12.30 4.37
C SER A 118 22.99 11.43 5.46
N GLU A 119 23.72 11.15 6.52
CA GLU A 119 23.16 10.50 7.68
C GLU A 119 22.00 11.30 8.25
N GLU A 120 22.00 12.62 8.02
CA GLU A 120 20.96 13.50 8.53
C GLU A 120 19.62 13.29 7.81
N GLY A 121 19.73 13.10 6.51
CA GLY A 121 18.57 12.91 5.66
C GLY A 121 18.86 13.18 4.21
N VAL A 122 17.81 13.61 3.50
CA VAL A 122 17.94 13.86 2.07
C VAL A 122 17.65 15.33 1.75
N THR A 123 18.59 15.92 1.02
CA THR A 123 18.39 17.26 0.47
C THR A 123 18.01 17.10 -1.00
N PHE A 124 17.04 17.90 -1.44
CA PHE A 124 16.62 17.80 -2.84
C PHE A 124 16.04 19.12 -3.35
N LEU A 135 14.57 16.78 3.94
CA LEU A 135 13.77 15.66 4.44
C LEU A 135 14.64 14.72 5.28
N SER A 136 14.33 14.66 6.56
CA SER A 136 14.98 13.80 7.55
C SER A 136 13.90 13.02 8.28
N PRO A 137 14.23 12.02 9.08
CA PRO A 137 13.21 11.34 9.88
C PRO A 137 12.31 12.29 10.68
N GLU A 138 12.94 13.26 11.33
CA GLU A 138 12.16 14.13 12.22
C GLU A 138 11.17 15.00 11.43
N ARG A 139 11.61 15.56 10.31
CA ARG A 139 10.84 16.41 9.45
C ARG A 139 9.75 15.60 8.77
N SER A 140 10.10 14.36 8.41
CA SER A 140 9.10 13.49 7.81
C SER A 140 7.95 13.25 8.77
N ILE A 141 8.33 12.94 10.02
CA ILE A 141 7.31 12.66 11.02
C ILE A 141 6.48 13.91 11.31
N GLU A 142 7.14 15.07 11.37
CA GLU A 142 6.45 16.33 11.57
CA GLU A 142 6.39 16.29 11.62
C GLU A 142 5.45 16.60 10.46
N ILE A 143 5.90 16.39 9.22
CA ILE A 143 5.01 16.64 8.09
C ILE A 143 3.79 15.74 8.20
N GLN A 144 4.01 14.47 8.54
CA GLN A 144 2.90 13.51 8.63
C GLN A 144 1.97 13.88 9.76
N HIS A 145 2.54 14.42 10.83
CA HIS A 145 1.72 14.98 11.91
C HIS A 145 0.87 16.16 11.44
N LEU A 146 1.47 17.09 10.73
CA LEU A 146 0.76 18.27 10.21
C LEU A 146 -0.36 17.88 9.26
N LEU A 147 -0.12 16.85 8.44
CA LEU A 147 -1.17 16.35 7.57
C LEU A 147 -2.29 15.64 8.33
N GLY A 148 -2.02 15.22 9.56
CA GLY A 148 -2.91 14.50 10.41
C GLY A 148 -3.20 13.06 10.06
N SER A 149 -2.24 12.33 9.49
CA SER A 149 -2.56 10.95 9.09
C SER A 149 -2.63 10.03 10.31
N ASP A 150 -3.41 8.98 10.14
CA ASP A 150 -3.63 7.99 11.18
C ASP A 150 -2.54 6.92 11.21
N ILE A 151 -2.05 6.50 10.06
CA ILE A 151 -0.95 5.52 10.02
C ILE A 151 0.26 6.24 9.39
N VAL A 152 1.29 6.39 10.19
CA VAL A 152 2.52 7.11 9.86
C VAL A 152 3.60 6.11 9.51
N MET A 153 4.30 6.34 8.40
CA MET A 153 5.43 5.48 8.07
C MET A 153 6.75 6.07 8.53
N ALA A 154 7.62 5.24 9.12
CA ALA A 154 8.96 5.71 9.42
C ALA A 154 9.66 6.15 8.13
N PHE A 155 10.62 7.05 8.28
CA PHE A 155 11.44 7.53 7.19
C PHE A 155 12.60 6.58 6.94
N ASP A 156 12.59 5.98 5.75
CA ASP A 156 13.53 4.97 5.34
C ASP A 156 14.17 5.32 4.01
N GLU A 157 15.07 4.46 3.57
CA GLU A 157 15.67 4.43 2.24
C GLU A 157 15.28 3.14 1.53
N CYS A 158 14.55 3.26 0.42
CA CYS A 158 14.22 2.09 -0.39
C CYS A 158 15.45 1.74 -1.22
N THR A 159 16.24 0.76 -0.79
CA THR A 159 17.49 0.48 -1.49
C THR A 159 17.33 0.18 -2.98
N PRO A 160 18.19 0.70 -3.84
CA PRO A 160 18.03 0.46 -5.28
C PRO A 160 18.25 -1.01 -5.62
N TYR A 161 17.63 -1.42 -6.73
CA TYR A 161 17.79 -2.78 -7.18
C TYR A 161 18.45 -2.77 -8.55
N PRO A 162 19.44 -3.62 -8.79
CA PRO A 162 20.02 -4.56 -7.83
C PRO A 162 21.06 -3.86 -6.95
N ALA A 163 21.36 -4.48 -5.82
CA ALA A 163 22.32 -3.92 -4.88
C ALA A 163 23.31 -4.97 -4.42
N THR A 164 24.57 -4.61 -4.20
CA THR A 164 25.47 -5.62 -3.65
C THR A 164 25.17 -5.80 -2.16
N PRO A 165 25.51 -6.95 -1.59
CA PRO A 165 25.36 -7.14 -0.15
C PRO A 165 25.92 -6.01 0.69
N SER A 166 27.05 -5.41 0.30
CA SER A 166 27.67 -4.42 1.17
C SER A 166 26.85 -3.14 1.27
N ARG A 167 26.43 -2.67 0.11
CA ARG A 167 25.57 -1.54 -0.18
C ARG A 167 24.19 -1.78 0.43
N ALA A 168 23.69 -3.00 0.26
CA ALA A 168 22.37 -3.29 0.81
C ALA A 168 22.42 -3.17 2.34
N ALA A 169 23.49 -3.72 2.92
CA ALA A 169 23.75 -3.63 4.34
C ALA A 169 23.91 -2.19 4.82
N SER A 170 24.75 -1.40 4.15
CA SER A 170 24.94 -0.01 4.54
C SER A 170 23.64 0.77 4.51
N SER A 171 22.87 0.58 3.44
CA SER A 171 21.60 1.29 3.33
CA SER A 171 21.58 1.22 3.29
C SER A 171 20.61 0.80 4.39
N MET A 172 20.56 -0.51 4.62
CA MET A 172 19.64 -1.04 5.62
C MET A 172 20.00 -0.50 7.01
N GLU A 173 21.31 -0.51 7.30
CA GLU A 173 21.77 -0.03 8.61
C GLU A 173 21.35 1.43 8.81
N ARG A 174 21.45 2.25 7.77
CA ARG A 174 21.05 3.65 7.90
C ARG A 174 19.56 3.75 8.17
N SER A 175 18.81 2.97 7.38
CA SER A 175 17.36 3.01 7.60
C SER A 175 17.03 2.58 9.01
N MET A 176 17.80 1.66 9.61
CA MET A 176 17.39 1.29 10.97
C MET A 176 17.71 2.40 11.95
N ARG A 177 18.80 3.17 11.73
CA ARG A 177 19.03 4.34 12.60
C ARG A 177 17.94 5.39 12.39
N TRP A 178 17.47 5.49 11.15
CA TRP A 178 16.40 6.42 10.81
C TRP A 178 15.09 5.96 11.40
N ALA A 179 14.95 4.63 11.53
CA ALA A 179 13.74 4.10 12.16
C ALA A 179 13.64 4.51 13.63
N LYS A 180 14.75 4.44 14.35
CA LYS A 180 14.76 4.83 15.76
C LYS A 180 14.51 6.32 15.88
N ARG A 181 15.09 7.09 14.96
CA ARG A 181 14.83 8.52 15.00
C ARG A 181 13.36 8.84 14.76
N SER A 182 12.77 8.07 13.86
CA SER A 182 11.37 8.26 13.51
C SER A 182 10.51 7.97 14.74
N ARG A 183 10.77 6.83 15.35
CA ARG A 183 10.13 6.41 16.58
C ARG A 183 10.11 7.51 17.63
N ASP A 184 11.30 8.07 17.88
CA ASP A 184 11.49 9.09 18.90
C ASP A 184 10.75 10.37 18.57
N ALA A 185 10.82 10.73 17.28
CA ALA A 185 10.12 11.91 16.80
C ALA A 185 8.61 11.73 16.98
N PHE A 186 8.13 10.57 16.57
CA PHE A 186 6.71 10.30 16.73
C PHE A 186 6.29 10.35 18.19
N ASP A 187 7.12 9.81 19.09
CA ASP A 187 6.73 9.73 20.48
C ASP A 187 6.76 11.08 21.18
N SER A 188 7.46 12.03 20.60
CA SER A 188 7.68 13.35 21.20
CA SER A 188 7.69 13.35 21.15
C SER A 188 6.49 14.28 20.96
N ARG A 189 5.62 13.94 20.04
CA ARG A 189 4.41 14.70 19.75
C ARG A 189 3.19 14.02 20.35
N LYS A 190 2.71 14.53 21.49
CA LYS A 190 1.66 13.82 22.22
C LYS A 190 0.42 13.58 21.38
N GLU A 191 0.01 14.54 20.58
CA GLU A 191 -1.25 14.33 19.86
C GLU A 191 -1.07 13.17 18.90
N GLN A 192 0.14 13.10 18.33
CA GLN A 192 0.46 12.02 17.40
C GLN A 192 0.54 10.66 18.08
N ALA A 193 1.36 10.56 19.12
CA ALA A 193 1.58 9.35 19.88
C ALA A 193 0.30 8.76 20.47
N GLU A 194 -0.66 9.58 20.85
CA GLU A 194 -1.90 9.11 21.45
C GLU A 194 -3.04 8.77 20.49
N ASN A 195 -2.99 9.25 19.24
CA ASN A 195 -4.07 9.12 18.29
C ASN A 195 -3.69 8.45 16.98
N ALA A 196 -2.40 8.39 16.65
CA ALA A 196 -2.01 7.76 15.40
C ALA A 196 -1.22 6.48 15.69
N ALA A 197 -0.77 5.79 14.64
CA ALA A 197 0.08 4.62 14.77
C ALA A 197 1.31 4.80 13.88
N LEU A 198 2.41 4.14 14.21
CA LEU A 198 3.65 4.22 13.48
C LEU A 198 4.10 2.85 13.01
N PHE A 199 4.45 2.77 11.73
CA PHE A 199 4.91 1.51 11.15
C PHE A 199 6.40 1.64 10.81
N GLY A 200 7.15 0.60 11.09
CA GLY A 200 8.55 0.38 10.76
C GLY A 200 8.64 -0.30 9.40
N ILE A 201 9.71 -0.05 8.66
CA ILE A 201 9.91 -0.58 7.32
C ILE A 201 11.21 -1.37 7.21
N GLN A 202 11.04 -2.67 6.95
CA GLN A 202 12.13 -3.59 6.68
C GLN A 202 12.75 -3.31 5.31
N GLN A 203 14.06 -3.22 5.22
CA GLN A 203 15.00 -3.24 4.12
C GLN A 203 15.91 -4.46 4.18
N GLY A 204 17.00 -4.47 3.43
CA GLY A 204 17.81 -5.65 3.28
C GLY A 204 17.84 -6.19 1.87
N SER A 205 17.24 -5.48 0.93
CA SER A 205 17.24 -5.93 -0.46
C SER A 205 16.75 -7.37 -0.55
N VAL A 206 17.47 -8.20 -1.31
CA VAL A 206 17.01 -9.56 -1.49
C VAL A 206 17.80 -10.52 -0.61
N PHE A 207 18.50 -10.03 0.41
CA PHE A 207 19.32 -10.90 1.22
C PHE A 207 18.70 -11.27 2.56
N GLU A 208 18.61 -12.57 2.77
CA GLU A 208 17.99 -13.15 3.95
C GLU A 208 18.63 -12.67 5.25
N ASN A 209 19.97 -12.70 5.31
CA ASN A 209 20.59 -12.31 6.57
C ASN A 209 20.30 -10.83 6.83
N LEU A 210 20.29 -9.99 5.80
CA LEU A 210 20.03 -8.58 6.12
C LEU A 210 18.56 -8.32 6.44
N ARG A 211 17.66 -9.06 5.80
CA ARG A 211 16.24 -8.93 6.11
C ARG A 211 16.04 -9.27 7.57
N GLN A 212 16.82 -10.28 8.02
CA GLN A 212 16.71 -10.72 9.42
C GLN A 212 17.22 -9.65 10.36
N GLN A 213 18.40 -9.10 10.08
CA GLN A 213 18.92 -8.07 10.99
C GLN A 213 17.97 -6.89 11.04
N SER A 214 17.39 -6.61 9.88
CA SER A 214 16.47 -5.48 9.85
C SER A 214 15.22 -5.72 10.69
N ALA A 215 14.66 -6.92 10.55
CA ALA A 215 13.48 -7.28 11.35
C ALA A 215 13.80 -7.19 12.83
N ASP A 216 14.96 -7.72 13.18
CA ASP A 216 15.47 -7.68 14.55
C ASP A 216 15.52 -6.25 15.09
N ALA A 217 16.12 -5.33 14.31
CA ALA A 217 16.26 -3.97 14.82
C ALA A 217 14.90 -3.30 14.98
N LEU A 218 14.00 -3.60 14.05
CA LEU A 218 12.67 -2.99 14.07
C LEU A 218 11.84 -3.47 15.24
N ALA A 219 11.88 -4.76 15.48
CA ALA A 219 11.19 -5.39 16.60
C ALA A 219 11.76 -4.86 17.92
N GLU A 220 13.05 -4.65 17.97
CA GLU A 220 13.68 -4.14 19.20
C GLU A 220 13.18 -2.74 19.49
N ILE A 221 13.07 -1.91 18.45
CA ILE A 221 12.54 -0.57 18.65
C ILE A 221 11.07 -0.61 19.01
N GLY A 222 10.30 -1.38 18.25
CA GLY A 222 8.90 -1.62 18.53
C GLY A 222 8.02 -0.68 17.73
N PHE A 223 7.17 -1.22 16.88
CA PHE A 223 6.26 -0.42 16.07
C PHE A 223 4.84 -0.99 16.15
N ASP A 224 3.87 -0.24 15.65
CA ASP A 224 2.50 -0.75 15.64
C ASP A 224 2.25 -1.75 14.51
N GLY A 225 3.06 -1.59 13.48
CA GLY A 225 2.96 -2.43 12.29
C GLY A 225 4.31 -2.41 11.59
N TYR A 226 4.52 -3.36 10.69
CA TYR A 226 5.76 -3.61 9.99
C TYR A 226 5.48 -3.73 8.50
N ALA A 227 6.17 -2.87 7.74
CA ALA A 227 6.14 -2.93 6.30
C ALA A 227 7.37 -3.68 5.79
N VAL A 228 7.15 -4.28 4.64
CA VAL A 228 8.21 -4.91 3.86
C VAL A 228 8.52 -3.91 2.74
N GLY A 229 9.64 -3.22 2.93
CA GLY A 229 10.06 -2.24 1.95
C GLY A 229 11.09 -2.84 1.01
N GLY A 230 11.53 -1.99 0.08
CA GLY A 230 12.60 -2.36 -0.82
C GLY A 230 12.26 -3.42 -1.84
N LEU A 231 11.00 -3.74 -2.05
CA LEU A 231 10.56 -4.62 -3.13
C LEU A 231 9.75 -3.83 -4.14
N ALA A 232 9.32 -4.47 -5.22
CA ALA A 232 8.66 -3.77 -6.32
C ALA A 232 9.57 -2.65 -6.81
N VAL A 233 10.85 -3.02 -6.94
CA VAL A 233 11.91 -2.12 -7.39
C VAL A 233 12.59 -2.61 -8.65
N GLY A 234 11.96 -3.58 -9.33
CA GLY A 234 12.47 -4.06 -10.60
C GLY A 234 12.83 -5.52 -10.59
N GLU A 235 12.64 -6.17 -9.45
CA GLU A 235 13.09 -7.55 -9.28
C GLU A 235 12.23 -8.59 -9.95
N GLY A 236 10.99 -8.30 -10.35
CA GLY A 236 10.22 -9.42 -10.91
C GLY A 236 9.51 -10.26 -9.85
N GLN A 237 8.38 -10.85 -10.24
CA GLN A 237 7.53 -11.54 -9.29
C GLN A 237 8.18 -12.75 -8.64
N ASP A 238 8.87 -13.59 -9.39
CA ASP A 238 9.46 -14.77 -8.76
C ASP A 238 10.39 -14.38 -7.63
N GLU A 239 11.24 -13.39 -7.91
CA GLU A 239 12.19 -12.92 -6.90
C GLU A 239 11.47 -12.24 -5.75
N MET A 240 10.39 -11.50 -6.07
CA MET A 240 9.70 -10.85 -4.95
C MET A 240 9.10 -11.92 -4.05
N PHE A 241 8.49 -12.94 -4.63
CA PHE A 241 7.90 -14.02 -3.82
C PHE A 241 8.94 -14.77 -3.00
N ARG A 242 10.09 -15.03 -3.62
CA ARG A 242 11.20 -15.71 -2.96
C ARG A 242 11.64 -14.93 -1.72
N VAL A 243 11.72 -13.61 -1.85
CA VAL A 243 12.13 -12.78 -0.72
C VAL A 243 11.04 -12.71 0.34
N LEU A 244 9.78 -12.66 -0.08
CA LEU A 244 8.70 -12.65 0.90
C LEU A 244 8.64 -13.97 1.67
N ASP A 245 8.99 -15.08 1.00
CA ASP A 245 8.93 -16.41 1.64
C ASP A 245 9.73 -16.44 2.93
N PHE A 246 10.94 -15.90 2.95
CA PHE A 246 11.69 -15.85 4.18
C PHE A 246 11.51 -14.53 4.94
N SER A 247 11.12 -13.44 4.30
CA SER A 247 11.09 -12.16 4.98
C SER A 247 9.89 -11.95 5.88
N VAL A 248 8.69 -12.32 5.45
CA VAL A 248 7.52 -12.03 6.28
C VAL A 248 7.48 -12.81 7.58
N PRO A 249 7.85 -14.08 7.67
CA PRO A 249 7.88 -14.72 8.99
C PRO A 249 8.85 -14.06 9.95
N MET A 250 9.79 -13.24 9.47
CA MET A 250 10.67 -12.60 10.43
C MET A 250 10.02 -11.46 11.21
N LEU A 251 8.92 -10.93 10.70
CA LEU A 251 8.24 -9.85 11.42
C LEU A 251 7.35 -10.41 12.52
N PRO A 252 7.04 -9.61 13.52
CA PRO A 252 6.11 -10.06 14.59
C PRO A 252 4.82 -10.53 13.95
N ASP A 253 4.44 -11.74 14.33
CA ASP A 253 3.25 -12.34 13.76
C ASP A 253 1.99 -11.62 14.21
N ASP A 254 2.00 -11.05 15.41
CA ASP A 254 0.80 -10.44 15.99
C ASP A 254 0.57 -9.00 15.55
N LYS A 255 1.35 -8.53 14.58
CA LYS A 255 1.17 -7.18 14.03
C LYS A 255 0.95 -7.23 12.52
N PRO A 256 0.30 -6.21 11.99
CA PRO A 256 0.07 -6.21 10.52
C PRO A 256 1.38 -6.08 9.74
N HIS A 257 1.34 -6.70 8.56
CA HIS A 257 2.41 -6.71 7.58
C HIS A 257 1.98 -6.00 6.29
N TYR A 258 2.66 -4.94 5.94
CA TYR A 258 2.34 -4.08 4.80
C TYR A 258 3.40 -4.22 3.72
N LEU A 259 2.95 -4.61 2.53
CA LEU A 259 3.85 -4.72 1.40
C LEU A 259 3.74 -3.45 0.56
N MET A 260 4.77 -2.62 0.56
CA MET A 260 4.67 -1.28 -0.04
C MET A 260 4.78 -1.31 -1.56
N GLY A 261 3.88 -0.63 -2.24
CA GLY A 261 3.90 -0.45 -3.68
C GLY A 261 3.43 -1.65 -4.48
N VAL A 262 2.86 -2.65 -3.84
CA VAL A 262 2.41 -3.86 -4.53
C VAL A 262 0.89 -3.94 -4.56
N GLY A 263 0.22 -4.25 -5.66
CA GLY A 263 0.75 -4.56 -6.98
C GLY A 263 -0.35 -5.04 -7.91
N LYS A 264 0.00 -5.87 -8.89
CA LYS A 264 -1.04 -6.44 -9.74
C LYS A 264 -1.88 -7.43 -8.93
N PRO A 265 -3.08 -7.73 -9.39
CA PRO A 265 -3.97 -8.68 -8.71
C PRO A 265 -3.30 -9.99 -8.35
N ASP A 266 -2.50 -10.51 -9.26
CA ASP A 266 -1.81 -11.77 -9.00
C ASP A 266 -0.64 -11.57 -8.04
N ASP A 267 -0.04 -10.38 -8.00
CA ASP A 267 0.95 -10.09 -6.97
C ASP A 267 0.33 -10.14 -5.56
N ILE A 268 -0.81 -9.46 -5.46
CA ILE A 268 -1.49 -9.41 -4.16
C ILE A 268 -1.87 -10.81 -3.69
N VAL A 269 -2.42 -11.64 -4.58
CA VAL A 269 -2.85 -12.96 -4.10
C VAL A 269 -1.65 -13.72 -3.57
N GLY A 270 -0.54 -13.69 -4.31
CA GLY A 270 0.65 -14.41 -3.89
C GLY A 270 1.25 -13.87 -2.59
N ALA A 271 1.20 -12.54 -2.45
CA ALA A 271 1.68 -11.89 -1.24
C ALA A 271 0.82 -12.25 -0.03
N VAL A 272 -0.50 -12.35 -0.24
CA VAL A 272 -1.36 -12.74 0.88
C VAL A 272 -1.06 -14.18 1.29
N GLU A 273 -0.81 -15.08 0.34
CA GLU A 273 -0.34 -16.43 0.55
C GLU A 273 0.90 -16.53 1.42
N ARG A 274 1.64 -15.44 1.45
CA ARG A 274 2.93 -15.36 2.13
C ARG A 274 2.86 -14.53 3.39
N GLY A 275 1.65 -14.12 3.77
CA GLY A 275 1.38 -13.49 5.03
C GLY A 275 1.30 -11.98 5.04
N ILE A 276 1.14 -11.33 3.90
CA ILE A 276 0.90 -9.89 3.86
C ILE A 276 -0.57 -9.54 4.08
N ASP A 277 -0.77 -8.45 4.83
CA ASP A 277 -2.04 -7.95 5.28
C ASP A 277 -2.46 -6.62 4.65
N MET A 278 -1.54 -5.86 4.09
CA MET A 278 -1.92 -4.53 3.61
C MET A 278 -1.15 -4.22 2.32
N PHE A 279 -1.80 -3.56 1.40
CA PHE A 279 -1.26 -3.18 0.10
C PHE A 279 -1.56 -1.76 -0.32
N ASP A 280 -0.63 -1.14 -1.04
CA ASP A 280 -0.92 0.07 -1.79
C ASP A 280 -0.27 -0.04 -3.17
N CYS A 281 -0.92 0.51 -4.20
CA CYS A 281 -0.33 0.50 -5.54
C CYS A 281 -1.00 1.52 -6.45
N VAL A 282 -0.25 2.28 -7.23
CA VAL A 282 -0.84 3.24 -8.14
C VAL A 282 -1.42 2.59 -9.40
N LEU A 283 -1.17 1.31 -9.61
CA LEU A 283 -1.59 0.63 -10.83
C LEU A 283 -3.05 0.83 -11.19
N PRO A 284 -3.99 0.56 -10.29
CA PRO A 284 -5.40 0.66 -10.68
C PRO A 284 -5.77 2.04 -11.21
N THR A 285 -5.26 3.07 -10.55
CA THR A 285 -5.54 4.44 -11.01
C THR A 285 -4.71 4.80 -12.23
N ARG A 286 -3.46 4.33 -12.34
CA ARG A 286 -2.73 4.68 -13.57
C ARG A 286 -3.25 3.91 -14.76
N SER A 287 -3.53 2.62 -14.52
CA SER A 287 -4.14 1.81 -15.57
C SER A 287 -5.38 2.47 -16.16
N GLY A 288 -6.24 2.93 -15.26
CA GLY A 288 -7.51 3.53 -15.63
C GLY A 288 -7.38 4.82 -16.41
N ARG A 289 -6.28 5.53 -16.20
CA ARG A 289 -6.00 6.71 -16.99
C ARG A 289 -5.47 6.34 -18.37
N ASN A 290 -4.88 5.15 -18.49
CA ASN A 290 -4.25 4.72 -19.72
C ASN A 290 -5.02 3.65 -20.49
N GLY A 291 -6.32 3.47 -20.26
CA GLY A 291 -7.07 2.53 -21.06
C GLY A 291 -7.03 1.09 -20.59
N GLN A 292 -6.39 0.77 -19.47
CA GLN A 292 -6.34 -0.61 -19.00
C GLN A 292 -7.29 -0.87 -17.83
N ALA A 293 -8.08 -1.92 -17.97
CA ALA A 293 -9.05 -2.38 -16.99
C ALA A 293 -8.71 -3.77 -16.46
N PHE A 294 -8.82 -3.93 -15.14
CA PHE A 294 -8.66 -5.26 -14.57
C PHE A 294 -9.97 -6.03 -14.59
N THR A 295 -9.87 -7.31 -14.98
CA THR A 295 -10.99 -8.24 -15.01
C THR A 295 -10.57 -9.58 -14.43
N TRP A 296 -11.55 -10.42 -14.11
CA TRP A 296 -11.26 -11.75 -13.56
C TRP A 296 -10.57 -12.63 -14.57
N ASP A 297 -10.75 -12.26 -15.84
CA ASP A 297 -10.03 -12.92 -16.92
C ASP A 297 -8.75 -12.22 -17.32
N GLY A 298 -8.19 -11.35 -16.49
CA GLY A 298 -6.98 -10.61 -16.83
C GLY A 298 -7.23 -9.18 -17.29
N PRO A 299 -6.16 -8.41 -17.40
CA PRO A 299 -6.32 -7.00 -17.79
C PRO A 299 -6.70 -6.91 -19.27
N ILE A 300 -7.43 -5.87 -19.62
CA ILE A 300 -7.77 -5.62 -21.01
C ILE A 300 -7.48 -4.18 -21.41
N ASN A 301 -7.09 -3.96 -22.68
CA ASN A 301 -6.86 -2.59 -23.10
C ASN A 301 -8.11 -2.13 -23.88
N ILE A 302 -8.90 -1.28 -23.21
CA ILE A 302 -10.24 -1.00 -23.68
C ILE A 302 -10.23 -0.23 -24.98
N ARG A 303 -9.14 0.46 -25.27
CA ARG A 303 -9.07 1.20 -26.54
C ARG A 303 -9.01 0.31 -27.76
N ASN A 304 -8.66 -0.96 -27.55
CA ASN A 304 -8.50 -1.83 -28.72
C ASN A 304 -9.82 -1.96 -29.47
N ALA A 305 -9.74 -2.01 -30.79
CA ALA A 305 -10.91 -2.03 -31.64
C ALA A 305 -11.82 -3.22 -31.37
N ARG A 306 -11.32 -4.34 -30.83
CA ARG A 306 -12.15 -5.47 -30.50
C ARG A 306 -13.25 -5.15 -29.49
N PHE A 307 -13.16 -4.02 -28.79
CA PHE A 307 -14.19 -3.68 -27.80
C PHE A 307 -15.23 -2.72 -28.33
N SER A 308 -15.10 -2.24 -29.57
CA SER A 308 -15.91 -1.13 -30.05
C SER A 308 -17.37 -1.53 -30.16
N GLU A 309 -17.63 -2.83 -30.25
CA GLU A 309 -19.01 -3.29 -30.36
C GLU A 309 -19.31 -4.34 -29.30
N ASP A 310 -18.47 -4.37 -28.26
CA ASP A 310 -18.64 -5.31 -27.17
C ASP A 310 -19.63 -4.76 -26.13
N LEU A 311 -20.81 -5.36 -26.01
CA LEU A 311 -21.86 -4.87 -25.14
C LEU A 311 -21.80 -5.42 -23.72
N LYS A 312 -20.85 -6.30 -23.47
CA LYS A 312 -20.65 -6.76 -22.09
C LYS A 312 -20.08 -5.64 -21.25
N PRO A 313 -20.35 -5.67 -19.96
CA PRO A 313 -19.71 -4.69 -19.06
C PRO A 313 -18.22 -4.98 -18.99
N LEU A 314 -17.45 -4.06 -18.45
CA LEU A 314 -16.01 -4.21 -18.17
C LEU A 314 -15.66 -5.59 -17.62
N ASP A 315 -16.32 -5.97 -16.54
CA ASP A 315 -16.27 -7.34 -16.07
C ASP A 315 -17.69 -7.86 -15.74
N SER A 316 -17.96 -9.07 -16.16
CA SER A 316 -19.23 -9.78 -16.04
C SER A 316 -19.69 -9.99 -14.61
N GLU A 317 -18.75 -10.19 -13.68
CA GLU A 317 -19.17 -10.44 -12.30
C GLU A 317 -19.21 -9.16 -11.48
N CYS A 318 -18.39 -8.19 -11.87
CA CYS A 318 -18.13 -6.97 -11.10
C CYS A 318 -19.41 -6.23 -10.72
N HIS A 319 -19.57 -5.97 -9.43
CA HIS A 319 -20.76 -5.29 -8.94
C HIS A 319 -20.61 -3.78 -9.01
N CYS A 320 -19.48 -3.31 -9.51
CA CYS A 320 -19.25 -1.87 -9.49
C CYS A 320 -20.33 -1.13 -10.28
N ALA A 321 -20.51 0.15 -9.98
CA ALA A 321 -21.54 1.01 -10.54
C ALA A 321 -21.38 1.11 -12.05
N VAL A 322 -20.11 1.22 -12.45
CA VAL A 322 -19.77 1.24 -13.86
C VAL A 322 -20.29 -0.01 -14.57
N CYS A 323 -20.02 -1.17 -13.97
CA CYS A 323 -20.41 -2.39 -14.69
C CYS A 323 -21.91 -2.59 -14.58
N GLN A 324 -22.50 -1.92 -13.59
CA GLN A 324 -23.95 -2.05 -13.47
C GLN A 324 -24.68 -1.40 -14.64
N LYS A 325 -24.09 -0.37 -15.23
CA LYS A 325 -24.72 0.53 -16.17
C LYS A 325 -24.18 0.57 -17.59
N TRP A 326 -22.87 0.53 -17.83
CA TRP A 326 -22.31 0.77 -19.15
C TRP A 326 -21.43 -0.34 -19.73
N SER A 327 -21.48 -0.44 -21.07
CA SER A 327 -20.74 -1.52 -21.72
C SER A 327 -19.32 -1.12 -22.10
N ARG A 328 -18.52 -2.15 -22.40
CA ARG A 328 -17.19 -1.92 -22.94
C ARG A 328 -17.21 -1.01 -24.16
N ALA A 329 -18.23 -1.19 -25.02
CA ALA A 329 -18.32 -0.38 -26.23
C ALA A 329 -18.40 1.11 -25.96
N TYR A 330 -19.13 1.56 -24.95
CA TYR A 330 -19.32 2.97 -24.65
C TYR A 330 -18.08 3.49 -23.95
N ILE A 331 -17.54 2.69 -23.02
CA ILE A 331 -16.32 3.20 -22.37
C ILE A 331 -15.19 3.31 -23.40
N HIS A 332 -15.08 2.38 -24.32
CA HIS A 332 -14.18 2.45 -25.47
C HIS A 332 -14.38 3.77 -26.20
N HIS A 333 -15.65 4.03 -26.50
CA HIS A 333 -15.99 5.22 -27.27
C HIS A 333 -15.48 6.48 -26.57
N LEU A 334 -15.74 6.57 -25.28
CA LEU A 334 -15.41 7.76 -24.53
C LEU A 334 -13.91 8.00 -24.48
N ILE A 335 -13.20 6.90 -24.22
CA ILE A 335 -11.75 7.05 -24.10
C ILE A 335 -11.13 7.38 -25.44
N ARG A 336 -11.58 6.75 -26.51
CA ARG A 336 -11.03 7.07 -27.83
C ARG A 336 -11.33 8.51 -28.24
N ALA A 337 -12.42 9.06 -27.71
CA ALA A 337 -12.79 10.43 -28.02
C ALA A 337 -12.06 11.44 -27.13
N GLY A 338 -11.25 10.99 -26.17
CA GLY A 338 -10.56 11.86 -25.26
C GLY A 338 -11.47 12.38 -24.16
N GLU A 339 -12.62 11.77 -23.94
CA GLU A 339 -13.53 12.19 -22.87
C GLU A 339 -13.05 11.77 -21.49
N ILE A 340 -12.96 12.76 -20.61
CA ILE A 340 -12.52 12.57 -19.25
C ILE A 340 -13.42 11.58 -18.52
N LEU A 341 -14.70 11.57 -18.89
CA LEU A 341 -15.61 10.60 -18.32
C LEU A 341 -15.13 9.16 -18.47
N GLY A 342 -14.53 8.83 -19.61
CA GLY A 342 -14.14 7.45 -19.87
C GLY A 342 -13.06 7.03 -18.89
N ALA A 343 -12.08 7.91 -18.68
CA ALA A 343 -11.00 7.54 -17.76
C ALA A 343 -11.49 7.47 -16.32
N MET A 344 -12.45 8.31 -15.97
CA MET A 344 -13.03 8.28 -14.63
C MET A 344 -13.78 6.98 -14.42
N LEU A 345 -14.50 6.55 -15.46
CA LEU A 345 -15.27 5.30 -15.33
C LEU A 345 -14.33 4.12 -15.22
N MET A 346 -13.27 4.14 -16.04
CA MET A 346 -12.27 3.08 -15.94
C MET A 346 -11.62 3.04 -14.56
N THR A 347 -11.33 4.22 -14.01
CA THR A 347 -10.63 4.31 -12.72
C THR A 347 -11.52 3.75 -11.61
N GLU A 348 -12.78 4.18 -11.58
CA GLU A 348 -13.74 3.71 -10.60
C GLU A 348 -13.87 2.19 -10.66
N HIS A 349 -13.98 1.68 -11.88
CA HIS A 349 -14.06 0.23 -12.03
C HIS A 349 -12.83 -0.46 -11.44
N ASN A 350 -11.63 0.02 -11.73
CA ASN A 350 -10.41 -0.65 -11.28
C ASN A 350 -10.31 -0.64 -9.75
N ILE A 351 -10.66 0.48 -9.13
CA ILE A 351 -10.68 0.66 -7.69
C ILE A 351 -11.64 -0.35 -7.05
N ALA A 352 -12.80 -0.49 -7.66
CA ALA A 352 -13.83 -1.40 -7.19
C ALA A 352 -13.41 -2.85 -7.39
N PHE A 353 -12.75 -3.12 -8.52
CA PHE A 353 -12.28 -4.47 -8.81
C PHE A 353 -11.33 -4.88 -7.69
N TYR A 354 -10.40 -3.98 -7.36
CA TYR A 354 -9.40 -4.25 -6.33
C TYR A 354 -10.11 -4.52 -5.01
N GLN A 355 -11.14 -3.74 -4.66
CA GLN A 355 -11.80 -4.00 -3.38
C GLN A 355 -12.59 -5.31 -3.43
N GLN A 356 -13.14 -5.68 -4.57
CA GLN A 356 -13.82 -6.96 -4.70
C GLN A 356 -12.84 -8.12 -4.51
N LEU A 357 -11.65 -7.97 -5.07
CA LEU A 357 -10.57 -8.95 -4.93
C LEU A 357 -10.26 -9.13 -3.46
N MET A 358 -10.05 -8.03 -2.75
CA MET A 358 -9.71 -8.16 -1.34
C MET A 358 -10.88 -8.77 -0.54
N GLN A 359 -12.13 -8.43 -0.85
CA GLN A 359 -13.24 -9.04 -0.15
C GLN A 359 -13.25 -10.55 -0.40
N LYS A 360 -13.03 -10.95 -1.66
CA LYS A 360 -13.01 -12.37 -1.96
C LYS A 360 -11.86 -13.08 -1.24
N ILE A 361 -10.70 -12.42 -1.15
CA ILE A 361 -9.60 -12.97 -0.37
C ILE A 361 -9.98 -13.10 1.10
N ARG A 362 -10.58 -12.08 1.69
CA ARG A 362 -10.96 -12.13 3.09
C ARG A 362 -11.98 -13.23 3.36
N ASP A 363 -13.04 -13.31 2.55
CA ASP A 363 -14.04 -14.34 2.81
C ASP A 363 -13.43 -15.74 2.69
N SER A 364 -12.59 -15.96 1.68
N SER A 364 -12.60 -15.88 1.67
CA SER A 364 -12.08 -17.31 1.47
CA SER A 364 -11.92 -17.09 1.28
C SER A 364 -11.14 -17.72 2.59
C SER A 364 -11.07 -17.66 2.42
N ILE A 365 -10.31 -16.76 3.05
CA ILE A 365 -9.49 -17.12 4.19
C ILE A 365 -10.37 -17.46 5.38
N SER A 366 -11.37 -16.62 5.62
CA SER A 366 -12.28 -16.84 6.73
CA SER A 366 -12.28 -16.85 6.73
C SER A 366 -12.94 -18.22 6.62
N GLU A 367 -13.25 -18.63 5.40
CA GLU A 367 -13.97 -19.87 5.17
C GLU A 367 -13.04 -21.06 5.01
N GLY A 368 -11.73 -20.83 5.10
CA GLY A 368 -10.79 -21.93 4.92
C GLY A 368 -10.67 -22.40 3.48
N ARG A 369 -10.95 -21.58 2.47
CA ARG A 369 -10.81 -22.05 1.09
C ARG A 369 -9.95 -21.11 0.25
N PHE A 370 -9.06 -20.43 0.94
CA PHE A 370 -8.21 -19.46 0.23
C PHE A 370 -7.29 -20.14 -0.76
N SER A 371 -6.72 -21.30 -0.40
CA SER A 371 -5.80 -21.94 -1.35
C SER A 371 -6.53 -22.37 -2.61
N GLN A 372 -7.78 -22.79 -2.49
CA GLN A 372 -8.54 -23.10 -3.70
C GLN A 372 -8.85 -21.84 -4.51
N PHE A 373 -9.25 -20.77 -3.84
CA PHE A 373 -9.48 -19.48 -4.51
C PHE A 373 -8.26 -19.05 -5.30
N ALA A 374 -7.10 -19.14 -4.64
CA ALA A 374 -5.87 -18.67 -5.25
C ALA A 374 -5.63 -19.35 -6.59
N GLN A 375 -5.76 -20.68 -6.56
CA GLN A 375 -5.56 -21.56 -7.71
C GLN A 375 -6.63 -21.28 -8.75
N ASP A 376 -7.89 -21.26 -8.35
CA ASP A 376 -8.94 -20.87 -9.29
C ASP A 376 -8.68 -19.48 -9.84
N PHE A 377 -8.31 -18.53 -8.99
CA PHE A 377 -8.03 -17.17 -9.48
C PHE A 377 -6.98 -17.20 -10.57
N ARG A 378 -5.85 -17.86 -10.30
CA ARG A 378 -4.76 -17.82 -11.27
C ARG A 378 -5.14 -18.53 -12.56
N ALA A 379 -5.88 -19.62 -12.46
CA ALA A 379 -6.27 -20.39 -13.65
C ALA A 379 -7.04 -19.52 -14.62
N ARG A 380 -7.91 -18.70 -14.04
CA ARG A 380 -8.73 -17.86 -14.92
C ARG A 380 -8.05 -16.56 -15.32
N TYR A 381 -7.31 -15.94 -14.41
CA TYR A 381 -6.68 -14.66 -14.67
C TYR A 381 -5.63 -14.74 -15.77
N PHE A 382 -4.90 -15.85 -15.74
CA PHE A 382 -3.83 -15.96 -16.75
C PHE A 382 -4.41 -16.59 -18.01
ZN ZN B . -16.86 -2.87 -12.65
C1 0WY C . 3.43 5.17 -1.78
N1 0WY C . 3.60 3.82 -2.34
C2 0WY C . 4.68 3.06 -1.69
C3 0WY C . 6.06 3.70 -1.91
C4 0WY C . 7.20 2.73 -1.82
C5 0WY C . 8.11 2.59 -0.73
N2 0WY C . 8.01 3.51 0.34
C6 0WY C . 8.83 3.40 1.35
N3 0WY C . 9.79 2.43 1.43
C7 0WY C . 9.96 1.48 0.46
C8 0WY C . 9.06 1.56 -0.70
C9 0WY C . 9.20 0.60 -1.72
C10 0WY C . 8.30 0.73 -2.80
C11 0WY C . 7.36 1.75 -2.83
N4 0WY C . 6.70 1.58 -4.02
C12 0WY C . 7.24 0.48 -4.65
N5 0WY C . 8.20 -0.04 -3.93
N6 0WY C . 6.82 0.03 -5.85
C13 0WY C . 6.06 0.77 -6.83
O1 0WY C . 10.82 0.62 0.58
C14 0WY C . 2.32 5.95 -2.54
C15 0WY C . 2.09 7.29 -1.83
C16 0WY C . 1.03 8.11 -2.59
C17 0WY C . 1.49 8.38 -4.03
C18 0WY C . 1.69 7.05 -4.76
C19 0WY C . 2.69 6.16 -4.02
N7 0WY C . 8.78 4.30 2.38
C20 0WY C . 6.22 0.10 -8.21
C21 0WY C . 5.19 0.53 -9.20
C22 0WY C . 3.05 0.20 -10.33
C23 0WY C . 4.06 -0.25 -9.46
C24 0WY C . 3.15 1.45 -10.93
C25 0WY C . 5.27 1.78 -9.82
C26 0WY C . 4.27 2.24 -10.68
#